data_5PHL
#
_entry.id   5PHL
#
_cell.length_a   71.485
_cell.length_b   71.485
_cell.length_c   150.545
_cell.angle_alpha   90.000
_cell.angle_beta   90.000
_cell.angle_gamma   90.000
#
_symmetry.space_group_name_H-M   'P 43 21 2'
#
loop_
_entity.id
_entity.type
_entity.pdbx_description
1 polymer 'Lysine-specific demethylase 4D'
2 non-polymer 'ZINC ION'
3 non-polymer 'NICKEL (II) ION'
4 non-polymer N-OXALYLGLYCINE
5 non-polymer 1,2-ETHANEDIOL
6 non-polymer 'SULFATE ION'
7 non-polymer 5-chloro-1H-indole-2,3-dione
8 water water
#
_entity_poly.entity_id   1
_entity_poly.type   'polypeptide(L)'
_entity_poly.pdbx_seq_one_letter_code
;MHHHHHHSSGVDLGTENLYFQSMETMKSKANCAQNPNCNIMIFHPTKEEFNDFDKYIAYMESQGAHRAGLAKIIPPKEWK
ARETYDNISEILIATPLQQVASGRAGVFTQYHKKKKAMTVGEYRHLANSKKYQTPPHQNFEDLERKYWKNRIYNSPIYGA
DISGSLFDENTKQWNLGHLGTIQDLLEKECGVVIEGVNTPYLYFGMWKTTFAWHTEDMDLYSINYLHLGEPKTWYVVPPE
HGQRLERLARELFPGSSRGCGAFLRHKVALISPTVLKENGIPFNRITQEAGEFMVTFPYGYHAGFNHGFNCAEAINFATP
RWIDYGKMASQCSCGEARVTFSMDAFVRILQPERYDLWKRGQDR
;
_entity_poly.pdbx_strand_id   A
#
# COMPACT_ATOMS: atom_id res chain seq x y z
N ALA A 33 -7.61 1.33 -27.67
CA ALA A 33 -7.33 0.95 -26.30
C ALA A 33 -8.29 1.60 -25.31
N GLN A 34 -8.74 0.84 -24.34
CA GLN A 34 -9.65 1.35 -23.33
C GLN A 34 -8.95 2.24 -22.32
N ASN A 35 -9.63 3.30 -21.88
CA ASN A 35 -9.11 4.22 -20.88
C ASN A 35 -7.72 4.80 -21.24
N PRO A 36 -7.60 5.37 -22.46
CA PRO A 36 -6.28 5.83 -22.90
C PRO A 36 -5.67 6.97 -22.06
N ASN A 37 -6.51 7.79 -21.44
CA ASN A 37 -6.02 8.87 -20.57
C ASN A 37 -5.66 8.37 -19.17
N CYS A 38 -5.87 7.08 -18.87
CA CYS A 38 -5.44 6.50 -17.60
C CYS A 38 -6.17 7.11 -16.39
N ASN A 39 -7.46 7.39 -16.56
CA ASN A 39 -8.30 7.89 -15.48
C ASN A 39 -8.62 6.80 -14.47
N ILE A 40 -8.73 7.19 -13.20
CA ILE A 40 -9.22 6.27 -12.17
C ILE A 40 -10.70 5.96 -12.44
N MET A 41 -11.03 4.69 -12.62
CA MET A 41 -12.39 4.25 -12.85
C MET A 41 -13.06 3.77 -11.56
N ILE A 42 -14.37 3.98 -11.48
CA ILE A 42 -15.16 3.58 -10.31
C ILE A 42 -16.21 2.57 -10.79
N PHE A 43 -16.30 1.45 -10.09
CA PHE A 43 -17.17 0.35 -10.49
C PHE A 43 -18.25 0.09 -9.45
N HIS A 44 -19.44 -0.29 -9.94
CA HIS A 44 -20.60 -0.60 -9.11
C HIS A 44 -21.12 -1.99 -9.42
N PRO A 45 -20.40 -3.05 -9.02
CA PRO A 45 -20.88 -4.41 -9.31
C PRO A 45 -22.22 -4.73 -8.63
N THR A 46 -23.04 -5.50 -9.32
CA THR A 46 -24.24 -6.05 -8.73
C THR A 46 -23.86 -7.19 -7.78
N LYS A 47 -24.81 -7.64 -6.97
CA LYS A 47 -24.51 -8.75 -6.07
C LYS A 47 -24.12 -10.01 -6.84
N GLU A 48 -24.71 -10.23 -8.02
CA GLU A 48 -24.34 -11.36 -8.88
C GLU A 48 -22.90 -11.23 -9.39
N GLU A 49 -22.53 -10.03 -9.82
CA GLU A 49 -21.18 -9.77 -10.29
C GLU A 49 -20.13 -9.84 -9.18
N PHE A 50 -20.56 -9.79 -7.92
CA PHE A 50 -19.66 -9.73 -6.78
C PHE A 50 -19.29 -11.14 -6.29
N ASN A 51 -19.80 -12.16 -6.96
CA ASN A 51 -19.54 -13.54 -6.54
C ASN A 51 -18.14 -14.03 -6.88
N ASP A 52 -17.71 -13.76 -8.12
CA ASP A 52 -16.46 -14.28 -8.64
C ASP A 52 -15.43 -13.16 -8.70
N PHE A 53 -14.54 -13.15 -7.70
CA PHE A 53 -13.55 -12.10 -7.57
C PHE A 53 -12.65 -11.98 -8.80
N ASP A 54 -12.01 -13.10 -9.18
N ASP A 54 -12.05 -13.09 -9.21
CA ASP A 54 -11.10 -13.11 -10.32
CA ASP A 54 -11.09 -13.07 -10.31
C ASP A 54 -11.77 -12.56 -11.58
C ASP A 54 -11.73 -12.67 -11.65
N LYS A 55 -12.99 -13.04 -11.83
CA LYS A 55 -13.73 -12.65 -13.05
C LYS A 55 -13.97 -11.14 -13.07
N TYR A 56 -14.28 -10.56 -11.91
CA TYR A 56 -14.54 -9.12 -11.89
C TYR A 56 -13.27 -8.31 -12.09
N ILE A 57 -12.15 -8.76 -11.51
CA ILE A 57 -10.88 -8.06 -11.75
C ILE A 57 -10.58 -8.07 -13.26
N ALA A 58 -10.75 -9.24 -13.89
CA ALA A 58 -10.54 -9.37 -15.34
C ALA A 58 -11.47 -8.42 -16.11
N TYR A 59 -12.73 -8.32 -15.67
CA TYR A 59 -13.67 -7.41 -16.30
C TYR A 59 -13.20 -5.96 -16.19
N MET A 60 -12.76 -5.55 -15.00
N MET A 60 -12.78 -5.53 -15.01
CA MET A 60 -12.27 -4.19 -14.80
CA MET A 60 -12.29 -4.16 -14.84
C MET A 60 -11.14 -3.88 -15.77
C MET A 60 -11.14 -3.87 -15.80
N GLU A 61 -10.23 -4.83 -15.94
CA GLU A 61 -9.11 -4.65 -16.85
C GLU A 61 -9.56 -4.61 -18.32
N SER A 62 -10.61 -5.35 -18.67
CA SER A 62 -11.13 -5.29 -20.03
C SER A 62 -11.63 -3.89 -20.37
N GLN A 63 -11.98 -3.13 -19.33
CA GLN A 63 -12.45 -1.75 -19.51
C GLN A 63 -11.32 -0.73 -19.35
N GLY A 64 -10.09 -1.21 -19.19
CA GLY A 64 -8.91 -0.35 -19.07
C GLY A 64 -8.61 0.17 -17.68
N ALA A 65 -9.25 -0.37 -16.66
CA ALA A 65 -9.07 0.16 -15.30
C ALA A 65 -7.61 0.19 -14.87
N HIS A 66 -6.85 -0.85 -15.21
CA HIS A 66 -5.48 -0.97 -14.75
C HIS A 66 -4.57 0.15 -15.27
N ARG A 67 -4.96 0.79 -16.37
CA ARG A 67 -4.10 1.84 -16.92
CA ARG A 67 -4.14 1.86 -16.95
C ARG A 67 -3.90 2.99 -15.94
N ALA A 68 -4.86 3.21 -15.05
CA ALA A 68 -4.75 4.25 -14.02
C ALA A 68 -3.80 3.91 -12.89
N GLY A 69 -3.63 2.61 -12.62
CA GLY A 69 -2.88 2.15 -11.46
C GLY A 69 -3.72 1.91 -10.23
N LEU A 70 -4.96 2.40 -10.24
CA LEU A 70 -5.85 2.38 -9.08
C LEU A 70 -7.30 2.38 -9.58
N ALA A 71 -8.18 1.61 -8.94
CA ALA A 71 -9.62 1.65 -9.22
C ALA A 71 -10.37 1.65 -7.90
N LYS A 72 -11.58 2.22 -7.90
CA LYS A 72 -12.49 2.13 -6.77
C LYS A 72 -13.61 1.15 -7.09
N ILE A 73 -13.97 0.31 -6.12
CA ILE A 73 -15.09 -0.59 -6.27
C ILE A 73 -16.07 -0.36 -5.12
N ILE A 74 -17.28 0.05 -5.47
CA ILE A 74 -18.33 0.25 -4.48
C ILE A 74 -19.15 -1.05 -4.40
N PRO A 75 -19.19 -1.68 -3.22
CA PRO A 75 -19.89 -2.97 -3.16
C PRO A 75 -21.39 -2.82 -3.34
N PRO A 76 -22.06 -3.90 -3.75
CA PRO A 76 -23.52 -3.85 -3.85
C PRO A 76 -24.16 -3.51 -2.51
N LYS A 77 -25.32 -2.85 -2.57
CA LYS A 77 -25.97 -2.36 -1.37
C LYS A 77 -26.37 -3.48 -0.40
N GLU A 78 -26.51 -4.70 -0.92
CA GLU A 78 -26.89 -5.85 -0.11
C GLU A 78 -25.72 -6.44 0.70
N TRP A 79 -24.50 -6.01 0.39
CA TRP A 79 -23.30 -6.62 0.96
C TRP A 79 -22.84 -5.92 2.23
N LYS A 80 -22.24 -6.69 3.13
CA LYS A 80 -21.58 -6.10 4.29
CA LYS A 80 -21.65 -6.17 4.37
C LYS A 80 -20.36 -6.92 4.69
N ALA A 81 -19.35 -6.24 5.23
CA ALA A 81 -18.12 -6.91 5.65
C ALA A 81 -18.33 -7.72 6.93
N ARG A 82 -19.11 -7.15 7.84
CA ARG A 82 -19.42 -7.77 9.13
C ARG A 82 -20.66 -7.05 9.68
N GLU A 83 -21.23 -7.56 10.77
CA GLU A 83 -22.45 -6.98 11.30
C GLU A 83 -22.26 -5.59 11.91
N THR A 84 -21.31 -5.47 12.84
CA THR A 84 -21.02 -4.16 13.44
C THR A 84 -19.56 -4.05 13.80
N TYR A 85 -19.11 -2.82 14.09
CA TYR A 85 -17.74 -2.59 14.54
C TYR A 85 -17.71 -2.21 16.01
N ASP A 86 -18.73 -2.61 16.77
CA ASP A 86 -18.86 -2.24 18.18
CA ASP A 86 -18.78 -2.17 18.16
C ASP A 86 -17.90 -2.98 19.12
N ASN A 87 -17.24 -4.02 18.62
CA ASN A 87 -16.43 -4.88 19.49
C ASN A 87 -14.95 -5.01 19.11
N ILE A 88 -14.37 -3.94 18.56
CA ILE A 88 -13.00 -3.99 18.08
C ILE A 88 -11.99 -3.26 18.99
N SER A 89 -12.46 -2.71 20.10
CA SER A 89 -11.61 -1.83 20.92
C SER A 89 -10.47 -2.57 21.63
N GLU A 90 -10.56 -3.89 21.74
CA GLU A 90 -9.58 -4.69 22.47
C GLU A 90 -8.47 -5.24 21.57
N ILE A 91 -8.58 -5.01 20.27
CA ILE A 91 -7.45 -5.28 19.37
C ILE A 91 -6.23 -4.51 19.85
N LEU A 92 -5.07 -5.16 19.86
CA LEU A 92 -3.82 -4.51 20.27
C LEU A 92 -3.01 -4.01 19.09
N ILE A 93 -2.55 -2.77 19.19
CA ILE A 93 -1.55 -2.23 18.29
C ILE A 93 -0.24 -2.37 19.03
N ALA A 94 0.48 -3.46 18.75
CA ALA A 94 1.68 -3.78 19.52
C ALA A 94 2.79 -2.74 19.36
N THR A 95 2.90 -2.17 18.16
CA THR A 95 3.96 -1.21 17.89
C THR A 95 3.43 -0.04 17.07
N PRO A 96 2.72 0.90 17.73
CA PRO A 96 2.28 2.10 17.03
C PRO A 96 3.50 2.86 16.51
N LEU A 97 3.38 3.50 15.36
CA LEU A 97 4.51 4.19 14.72
C LEU A 97 4.28 5.70 14.64
N GLN A 98 5.17 6.47 15.25
CA GLN A 98 5.13 7.93 15.15
C GLN A 98 5.85 8.34 13.86
N GLN A 99 5.13 9.02 12.96
CA GLN A 99 5.66 9.31 11.63
C GLN A 99 6.26 10.71 11.58
N VAL A 100 7.57 10.77 11.73
CA VAL A 100 8.29 12.03 11.85
C VAL A 100 8.85 12.45 10.48
N ALA A 101 8.54 13.67 10.06
CA ALA A 101 8.96 14.16 8.74
C ALA A 101 10.26 14.96 8.74
N SER A 102 10.96 14.93 7.61
CA SER A 102 12.16 15.71 7.39
CA SER A 102 12.13 15.76 7.39
C SER A 102 12.14 16.26 5.96
N GLY A 103 12.35 17.55 5.80
CA GLY A 103 12.38 18.13 4.47
C GLY A 103 11.51 19.36 4.35
N ARG A 104 10.97 19.57 3.15
N ARG A 104 11.02 19.61 3.14
CA ARG A 104 10.11 20.71 2.88
CA ARG A 104 10.11 20.74 2.88
C ARG A 104 8.67 20.23 2.77
C ARG A 104 8.69 20.24 2.67
N ALA A 105 7.72 21.16 2.74
CA ALA A 105 6.31 20.80 2.80
C ALA A 105 5.88 19.87 1.68
N GLY A 106 6.43 20.08 0.48
CA GLY A 106 6.03 19.30 -0.68
C GLY A 106 7.01 18.21 -1.10
N VAL A 107 8.16 18.13 -0.43
CA VAL A 107 9.16 17.10 -0.72
C VAL A 107 9.82 16.72 0.59
N PHE A 108 9.47 15.57 1.14
CA PHE A 108 9.95 15.20 2.46
C PHE A 108 10.07 13.69 2.59
N THR A 109 10.86 13.25 3.56
CA THR A 109 10.86 11.85 3.95
C THR A 109 10.22 11.71 5.32
N GLN A 110 9.80 10.50 5.66
CA GLN A 110 9.31 10.25 7.01
C GLN A 110 9.96 8.99 7.55
N TYR A 111 10.27 9.01 8.83
N TYR A 111 10.22 9.00 8.84
CA TYR A 111 10.80 7.84 9.50
CA TYR A 111 10.67 7.79 9.47
C TYR A 111 9.87 7.42 10.63
C TYR A 111 9.72 7.48 10.60
N HIS A 112 9.87 6.12 10.93
N HIS A 112 9.86 6.30 11.15
CA HIS A 112 8.90 5.55 11.87
CA HIS A 112 8.94 5.85 12.18
C HIS A 112 9.51 5.27 13.22
C HIS A 112 9.68 5.66 13.48
N LYS A 113 9.14 6.07 14.21
N LYS A 113 9.16 6.27 14.53
CA LYS A 113 9.59 5.91 15.59
CA LYS A 113 9.64 6.05 15.89
C LYS A 113 8.62 4.99 16.35
C LYS A 113 8.66 5.13 16.59
N LYS A 114 9.15 3.96 16.99
CA LYS A 114 8.31 2.99 17.70
C LYS A 114 7.81 3.54 19.02
N LYS A 115 6.52 3.36 19.29
CA LYS A 115 5.91 3.79 20.54
C LYS A 115 5.43 2.57 21.33
N LYS A 116 5.06 2.78 22.59
CA LYS A 116 4.54 1.70 23.41
C LYS A 116 3.18 1.20 22.93
N ALA A 117 2.90 -0.08 23.19
CA ALA A 117 1.67 -0.71 22.73
C ALA A 117 0.42 -0.01 23.27
N MET A 118 -0.65 -0.02 22.50
N MET A 118 -0.62 0.03 22.44
CA MET A 118 -1.93 0.47 22.97
CA MET A 118 -1.94 0.58 22.79
C MET A 118 -3.05 -0.25 22.25
C MET A 118 -3.03 -0.37 22.28
N THR A 119 -4.22 -0.33 22.88
CA THR A 119 -5.37 -0.98 22.26
C THR A 119 -5.98 -0.03 21.24
N VAL A 120 -6.84 -0.57 20.38
CA VAL A 120 -7.56 0.24 19.41
C VAL A 120 -8.44 1.29 20.11
N GLY A 121 -9.04 0.92 21.25
CA GLY A 121 -9.80 1.89 22.03
C GLY A 121 -8.95 3.07 22.48
N GLU A 122 -7.74 2.78 22.97
CA GLU A 122 -6.82 3.83 23.39
C GLU A 122 -6.36 4.68 22.20
N TYR A 123 -6.09 4.02 21.08
CA TYR A 123 -5.64 4.69 19.86
C TYR A 123 -6.71 5.64 19.34
N ARG A 124 -7.96 5.19 19.35
CA ARG A 124 -9.07 6.03 18.91
C ARG A 124 -9.18 7.29 19.77
N HIS A 125 -9.05 7.12 21.08
CA HIS A 125 -9.10 8.24 22.00
C HIS A 125 -7.97 9.24 21.70
N LEU A 126 -6.77 8.72 21.44
CA LEU A 126 -5.63 9.54 21.08
C LEU A 126 -5.88 10.28 19.76
N ALA A 127 -6.40 9.57 18.75
CA ALA A 127 -6.71 10.20 17.46
C ALA A 127 -7.66 11.37 17.60
N ASN A 128 -8.60 11.25 18.54
CA ASN A 128 -9.63 12.25 18.71
C ASN A 128 -9.27 13.38 19.67
N SER A 129 -8.08 13.30 20.27
CA SER A 129 -7.62 14.30 21.21
C SER A 129 -7.30 15.62 20.50
N LYS A 130 -7.23 16.70 21.25
CA LYS A 130 -6.97 18.01 20.64
C LYS A 130 -5.67 18.03 19.83
N LYS A 131 -4.65 17.31 20.32
CA LYS A 131 -3.35 17.31 19.68
CA LYS A 131 -3.35 17.32 19.67
C LYS A 131 -3.38 16.68 18.28
N TYR A 132 -4.20 15.65 18.11
CA TYR A 132 -4.16 14.83 16.92
C TYR A 132 -5.39 14.89 16.01
N GLN A 133 -6.49 15.48 16.49
N GLN A 133 -6.48 15.49 16.49
CA GLN A 133 -7.75 15.44 15.75
CA GLN A 133 -7.74 15.46 15.75
C GLN A 133 -7.72 16.28 14.46
C GLN A 133 -7.73 16.29 14.47
N THR A 134 -8.53 15.86 13.50
CA THR A 134 -8.73 16.60 12.24
C THR A 134 -9.19 18.03 12.55
N PRO A 135 -8.57 19.02 11.89
CA PRO A 135 -8.98 20.41 12.11
C PRO A 135 -10.30 20.73 11.41
N PRO A 136 -10.96 21.82 11.82
CA PRO A 136 -12.12 22.34 11.09
C PRO A 136 -11.74 22.54 9.62
N HIS A 137 -12.65 22.21 8.71
CA HIS A 137 -12.36 22.32 7.29
C HIS A 137 -13.66 22.36 6.50
N GLN A 138 -13.60 22.92 5.29
CA GLN A 138 -14.80 23.13 4.50
C GLN A 138 -15.28 21.88 3.74
N ASN A 139 -14.32 21.10 3.24
CA ASN A 139 -14.58 19.96 2.38
C ASN A 139 -13.30 19.15 2.17
N PHE A 140 -13.35 18.12 1.33
CA PHE A 140 -12.15 17.29 1.09
C PHE A 140 -10.99 18.11 0.52
N GLU A 141 -11.29 19.05 -0.38
CA GLU A 141 -10.26 19.86 -1.02
CA GLU A 141 -10.24 19.84 -1.02
C GLU A 141 -9.55 20.78 -0.04
N ASP A 142 -10.32 21.37 0.87
CA ASP A 142 -9.76 22.24 1.90
C ASP A 142 -8.85 21.40 2.81
N LEU A 143 -9.31 20.21 3.18
CA LEU A 143 -8.51 19.35 4.02
C LEU A 143 -7.20 18.92 3.32
N GLU A 144 -7.28 18.62 2.02
CA GLU A 144 -6.10 18.29 1.23
C GLU A 144 -5.07 19.43 1.22
N ARG A 145 -5.56 20.66 1.04
N ARG A 145 -5.57 20.65 1.06
CA ARG A 145 -4.67 21.82 1.12
CA ARG A 145 -4.73 21.85 1.11
C ARG A 145 -3.97 21.88 2.48
C ARG A 145 -4.00 21.97 2.47
N LYS A 146 -4.75 21.74 3.55
CA LYS A 146 -4.19 21.78 4.90
C LYS A 146 -3.16 20.67 5.11
N TYR A 147 -3.43 19.48 4.61
CA TYR A 147 -2.48 18.37 4.71
C TYR A 147 -1.12 18.74 4.10
N TRP A 148 -1.11 19.20 2.84
CA TRP A 148 0.17 19.46 2.19
C TRP A 148 0.88 20.68 2.72
N LYS A 149 0.11 21.63 3.26
CA LYS A 149 0.69 22.82 3.85
CA LYS A 149 0.70 22.82 3.85
C LYS A 149 1.38 22.52 5.19
N ASN A 150 0.75 21.65 5.97
CA ASN A 150 1.11 21.51 7.40
C ASN A 150 1.61 20.14 7.87
N ARG A 151 1.53 19.12 7.02
CA ARG A 151 1.92 17.76 7.41
C ARG A 151 3.28 17.69 8.11
N ILE A 152 4.28 18.36 7.56
CA ILE A 152 5.64 18.15 8.07
C ILE A 152 5.82 18.67 9.50
N TYR A 153 4.93 19.56 9.95
CA TYR A 153 5.05 20.16 11.28
C TYR A 153 4.42 19.34 12.41
N ASN A 154 3.91 18.15 12.07
CA ASN A 154 3.32 17.25 13.05
C ASN A 154 3.83 15.83 12.87
N SER A 155 3.62 14.99 13.88
N SER A 155 3.67 15.01 13.90
CA SER A 155 4.07 13.61 13.82
CA SER A 155 4.07 13.61 13.83
C SER A 155 2.98 12.66 14.27
C SER A 155 2.93 12.71 14.30
N PRO A 156 2.02 12.37 13.39
CA PRO A 156 0.88 11.53 13.76
C PRO A 156 1.33 10.09 14.03
N ILE A 157 0.50 9.31 14.72
N ILE A 157 0.51 9.40 14.84
CA ILE A 157 0.88 7.94 15.06
CA ILE A 157 0.75 8.03 15.28
C ILE A 157 0.01 6.95 14.27
C ILE A 157 -0.16 7.14 14.46
N TYR A 158 0.65 6.03 13.55
N TYR A 158 0.36 6.03 13.96
CA TYR A 158 -0.03 5.08 12.68
CA TYR A 158 -0.51 5.12 13.22
C TYR A 158 0.07 3.66 13.26
C TYR A 158 -0.24 3.64 13.42
N GLY A 159 -0.98 2.88 13.10
N GLY A 159 -1.31 2.91 13.66
CA GLY A 159 -0.93 1.45 13.37
CA GLY A 159 -1.24 1.48 13.90
C GLY A 159 -0.79 0.70 12.06
C GLY A 159 -1.32 0.75 12.59
N ALA A 160 0.34 0.04 11.83
N ALA A 160 -0.24 0.82 11.81
CA ALA A 160 0.63 -0.47 10.49
CA ALA A 160 -0.18 0.14 10.52
C ALA A 160 0.91 -1.95 10.41
C ALA A 160 0.42 -1.25 10.66
N ASP A 161 0.45 -2.56 9.34
N ASP A 161 0.19 -2.08 9.65
CA ASP A 161 0.76 -3.95 9.04
CA ASP A 161 0.87 -3.36 9.50
C ASP A 161 0.50 -4.84 10.24
C ASP A 161 0.60 -4.37 10.62
N ILE A 162 -0.67 -4.66 10.86
CA ILE A 162 -1.08 -5.55 11.95
C ILE A 162 -1.75 -6.77 11.32
N SER A 163 -1.13 -7.94 11.44
N SER A 163 -1.14 -7.95 11.49
CA SER A 163 -1.72 -9.14 10.87
CA SER A 163 -1.70 -9.17 10.92
C SER A 163 -3.09 -9.41 11.48
C SER A 163 -3.08 -9.50 11.50
N GLY A 164 -4.09 -9.61 10.64
CA GLY A 164 -5.44 -9.88 11.11
C GLY A 164 -6.51 -9.51 10.10
N SER A 165 -7.78 -9.76 10.45
CA SER A 165 -8.90 -9.44 9.58
C SER A 165 -10.14 -9.03 10.37
N LEU A 166 -10.93 -8.13 9.82
CA LEU A 166 -12.21 -7.76 10.40
C LEU A 166 -13.38 -8.26 9.57
N PHE A 167 -13.12 -9.05 8.53
CA PHE A 167 -14.24 -9.66 7.79
C PHE A 167 -14.85 -10.80 8.59
N ASP A 168 -16.18 -10.83 8.65
CA ASP A 168 -16.89 -11.95 9.25
C ASP A 168 -16.59 -13.21 8.45
N GLU A 169 -16.38 -14.33 9.13
CA GLU A 169 -16.04 -15.57 8.42
CA GLU A 169 -16.06 -15.57 8.44
C GLU A 169 -17.18 -15.97 7.48
N ASN A 170 -18.39 -15.53 7.78
CA ASN A 170 -19.56 -15.85 6.95
C ASN A 170 -19.74 -14.93 5.74
N THR A 171 -18.90 -13.92 5.62
CA THR A 171 -18.94 -13.06 4.43
C THR A 171 -18.24 -13.78 3.30
N LYS A 172 -19.00 -14.18 2.29
CA LYS A 172 -18.45 -15.02 1.23
C LYS A 172 -17.89 -14.24 0.05
N GLN A 173 -18.32 -13.00 -0.13
CA GLN A 173 -17.90 -12.20 -1.29
C GLN A 173 -16.87 -11.17 -0.88
N TRP A 174 -15.78 -11.09 -1.64
CA TRP A 174 -14.75 -10.07 -1.44
C TRP A 174 -14.26 -10.01 0.00
N ASN A 175 -14.12 -11.20 0.59
CA ASN A 175 -13.56 -11.36 1.93
C ASN A 175 -12.04 -11.42 1.79
N LEU A 176 -11.34 -10.40 2.25
CA LEU A 176 -9.90 -10.30 1.99
C LEU A 176 -9.08 -11.38 2.72
N GLY A 177 -9.69 -12.12 3.64
CA GLY A 177 -9.04 -13.23 4.28
C GLY A 177 -9.31 -14.57 3.60
N HIS A 178 -10.11 -14.56 2.54
CA HIS A 178 -10.48 -15.78 1.82
C HIS A 178 -10.10 -15.75 0.34
N LEU A 179 -9.17 -14.89 -0.05
CA LEU A 179 -8.75 -14.82 -1.44
C LEU A 179 -7.82 -15.96 -1.79
N GLY A 180 -7.80 -16.35 -3.07
CA GLY A 180 -6.79 -17.27 -3.55
C GLY A 180 -5.40 -16.69 -3.32
N THR A 181 -4.45 -17.54 -2.94
CA THR A 181 -3.14 -17.06 -2.52
C THR A 181 -2.22 -16.78 -3.71
N ILE A 182 -1.24 -15.93 -3.52
N ILE A 182 -1.22 -15.94 -3.49
CA ILE A 182 -0.29 -15.68 -4.60
CA ILE A 182 -0.26 -15.62 -4.54
C ILE A 182 0.47 -16.95 -4.93
C ILE A 182 0.65 -16.81 -4.87
N GLN A 183 0.82 -17.72 -3.90
CA GLN A 183 1.57 -18.95 -4.13
C GLN A 183 0.78 -19.92 -5.01
N ASP A 184 -0.53 -20.00 -4.79
CA ASP A 184 -1.35 -20.85 -5.65
C ASP A 184 -1.46 -20.29 -7.08
N LEU A 185 -1.46 -18.97 -7.22
CA LEU A 185 -1.49 -18.38 -8.55
C LEU A 185 -0.22 -18.75 -9.31
N LEU A 186 0.93 -18.61 -8.67
N LEU A 186 0.93 -18.61 -8.66
N LEU A 186 0.93 -18.62 -8.66
CA LEU A 186 2.18 -18.98 -9.33
CA LEU A 186 2.20 -18.96 -9.27
CA LEU A 186 2.20 -18.95 -9.29
C LEU A 186 2.18 -20.44 -9.73
C LEU A 186 2.19 -20.43 -9.71
C LEU A 186 2.27 -20.44 -9.67
N GLU A 187 1.67 -21.29 -8.85
CA GLU A 187 1.61 -22.71 -9.15
C GLU A 187 0.69 -23.00 -10.34
N LYS A 188 -0.47 -22.36 -10.37
CA LYS A 188 -1.40 -22.53 -11.50
C LYS A 188 -0.80 -22.07 -12.83
N GLU A 189 -0.06 -20.98 -12.80
CA GLU A 189 0.48 -20.38 -14.03
C GLU A 189 1.78 -21.01 -14.50
N CYS A 190 2.64 -21.36 -13.55
CA CYS A 190 4.01 -21.73 -13.87
C CYS A 190 4.34 -23.18 -13.50
N GLY A 191 3.42 -23.85 -12.80
CA GLY A 191 3.56 -25.24 -12.45
C GLY A 191 4.50 -25.55 -11.30
N VAL A 192 5.01 -24.53 -10.63
CA VAL A 192 5.94 -24.75 -9.53
C VAL A 192 5.26 -24.52 -8.17
N VAL A 193 5.49 -25.45 -7.25
CA VAL A 193 4.96 -25.32 -5.90
C VAL A 193 6.01 -24.62 -5.04
N ILE A 194 5.58 -23.62 -4.28
CA ILE A 194 6.50 -22.90 -3.39
C ILE A 194 5.94 -22.75 -1.99
N GLU A 195 6.85 -22.57 -1.03
CA GLU A 195 6.49 -22.24 0.35
C GLU A 195 5.94 -20.83 0.42
N GLY A 196 5.28 -20.51 1.53
CA GLY A 196 4.82 -19.17 1.79
C GLY A 196 3.30 -19.11 1.95
N VAL A 197 2.88 -18.09 2.70
N VAL A 197 2.80 -18.16 2.73
CA VAL A 197 1.49 -17.78 2.95
CA VAL A 197 1.34 -17.98 2.84
C VAL A 197 1.23 -16.31 2.61
C VAL A 197 0.96 -16.55 3.18
N ASN A 198 -0.02 -15.87 2.76
N ASN A 198 0.37 -15.85 2.23
CA ASN A 198 -0.48 -14.63 2.13
CA ASN A 198 -0.04 -14.47 2.49
C ASN A 198 -1.68 -14.17 2.96
C ASN A 198 -1.42 -14.33 3.12
N THR A 199 -1.47 -13.36 4.02
CA THR A 199 -2.62 -13.02 4.88
C THR A 199 -2.83 -11.50 4.97
N PRO A 200 -4.04 -11.07 5.36
CA PRO A 200 -4.32 -9.63 5.39
C PRO A 200 -3.67 -8.85 6.54
N TYR A 201 -3.59 -7.54 6.37
N TYR A 201 -3.55 -7.53 6.33
CA TYR A 201 -3.10 -6.64 7.41
CA TYR A 201 -3.08 -6.58 7.33
C TYR A 201 -4.08 -5.52 7.70
C TYR A 201 -4.21 -5.63 7.73
N LEU A 202 -4.17 -5.16 8.97
CA LEU A 202 -5.03 -4.06 9.41
C LEU A 202 -4.18 -2.79 9.59
N TYR A 203 -4.82 -1.64 9.34
CA TYR A 203 -4.18 -0.33 9.46
C TYR A 203 -5.13 0.57 10.21
N PHE A 204 -4.70 1.05 11.37
CA PHE A 204 -5.47 2.03 12.13
C PHE A 204 -4.82 3.39 11.94
N GLY A 205 -5.58 4.36 11.40
CA GLY A 205 -5.01 5.66 11.06
C GLY A 205 -5.64 6.80 11.83
N MET A 206 -5.01 7.96 11.74
CA MET A 206 -5.54 9.19 12.30
C MET A 206 -5.20 10.32 11.32
N TRP A 207 -5.68 11.54 11.61
CA TRP A 207 -5.37 12.69 10.75
C TRP A 207 -3.87 12.78 10.46
N LYS A 208 -3.55 12.98 9.18
CA LYS A 208 -2.18 13.18 8.69
C LYS A 208 -1.32 11.93 8.59
N THR A 209 -1.80 10.79 9.09
CA THR A 209 -1.13 9.53 8.88
CA THR A 209 -1.03 9.58 8.87
C THR A 209 -0.91 9.34 7.37
N THR A 210 0.29 8.91 6.98
CA THR A 210 0.73 8.99 5.60
C THR A 210 1.30 7.68 5.08
N PHE A 211 0.94 7.30 3.86
CA PHE A 211 1.65 6.24 3.15
C PHE A 211 2.50 6.85 2.02
N ALA A 212 3.80 6.56 2.06
CA ALA A 212 4.78 7.09 1.12
C ALA A 212 4.61 6.48 -0.29
N TRP A 213 5.21 7.15 -1.28
CA TRP A 213 5.18 6.66 -2.67
C TRP A 213 5.79 5.27 -2.79
N HIS A 214 5.03 4.32 -3.32
CA HIS A 214 5.54 2.95 -3.46
C HIS A 214 4.72 2.16 -4.48
N THR A 215 5.31 1.09 -5.00
CA THR A 215 4.52 0.01 -5.58
C THR A 215 4.53 -1.16 -4.59
N GLU A 216 3.75 -2.20 -4.86
CA GLU A 216 3.70 -3.33 -3.94
C GLU A 216 4.95 -4.18 -4.09
N ASP A 217 5.24 -4.99 -3.08
CA ASP A 217 6.26 -6.01 -3.24
C ASP A 217 5.82 -6.81 -4.46
N MET A 218 6.93 -6.95 -5.19
N MET A 218 6.93 -7.01 -5.18
CA MET A 218 7.10 -7.74 -6.39
CA MET A 218 7.07 -7.80 -6.39
C MET A 218 6.18 -7.15 -7.41
C MET A 218 6.25 -7.14 -7.48
N ASP A 219 6.00 -5.83 -7.33
CA ASP A 219 4.90 -5.23 -8.12
C ASP A 219 3.56 -5.98 -8.21
N LEU A 220 3.14 -6.58 -7.10
CA LEU A 220 1.83 -7.23 -6.99
C LEU A 220 0.65 -6.25 -7.06
N TYR A 221 -0.56 -6.77 -7.18
CA TYR A 221 -1.75 -5.96 -6.92
C TYR A 221 -1.90 -5.82 -5.41
N SER A 222 -2.67 -4.83 -5.00
CA SER A 222 -3.20 -4.80 -3.63
CA SER A 222 -3.19 -4.77 -3.64
C SER A 222 -4.69 -4.49 -3.68
N ILE A 223 -5.39 -4.91 -2.64
CA ILE A 223 -6.77 -4.54 -2.46
C ILE A 223 -6.93 -4.06 -1.03
N ASN A 224 -7.65 -2.95 -0.88
CA ASN A 224 -7.77 -2.23 0.37
C ASN A 224 -9.23 -1.92 0.64
N TYR A 225 -9.75 -2.38 1.79
CA TYR A 225 -11.10 -2.07 2.22
C TYR A 225 -11.10 -1.13 3.41
N LEU A 226 -11.80 0.00 3.29
CA LEU A 226 -11.89 0.94 4.41
C LEU A 226 -13.09 0.52 5.27
N HIS A 227 -12.81 -0.15 6.38
CA HIS A 227 -13.85 -0.72 7.22
C HIS A 227 -14.70 0.33 7.93
N LEU A 228 -14.05 1.38 8.43
N LEU A 228 -14.06 1.38 8.41
CA LEU A 228 -14.67 2.24 9.43
CA LEU A 228 -14.76 2.32 9.26
C LEU A 228 -13.94 3.58 9.58
C LEU A 228 -13.99 3.62 9.33
N GLY A 229 -14.71 4.66 9.76
CA GLY A 229 -14.14 5.95 10.07
C GLY A 229 -14.00 6.94 8.94
N GLU A 230 -12.99 7.81 9.08
CA GLU A 230 -12.81 8.93 8.16
C GLU A 230 -12.10 8.50 6.88
N PRO A 231 -12.18 9.33 5.83
CA PRO A 231 -11.65 8.91 4.52
C PRO A 231 -10.14 8.75 4.40
N LYS A 232 -9.73 8.20 3.27
CA LYS A 232 -8.33 8.06 2.90
CA LYS A 232 -8.32 8.13 2.90
C LYS A 232 -8.17 8.66 1.49
N THR A 233 -7.29 9.64 1.33
CA THR A 233 -7.03 10.20 -0.02
C THR A 233 -5.82 9.52 -0.64
N TRP A 234 -5.95 9.15 -1.92
CA TRP A 234 -4.94 8.42 -2.68
C TRP A 234 -4.45 9.26 -3.86
N TYR A 235 -3.14 9.15 -4.13
CA TYR A 235 -2.52 9.64 -5.37
C TYR A 235 -1.91 8.44 -6.10
N VAL A 236 -1.95 8.45 -7.44
CA VAL A 236 -1.47 7.30 -8.20
C VAL A 236 -0.87 7.73 -9.54
N VAL A 237 0.24 7.11 -9.91
CA VAL A 237 0.85 7.30 -11.23
C VAL A 237 0.53 6.09 -12.11
N PRO A 238 0.08 6.32 -13.36
CA PRO A 238 -0.19 5.18 -14.26
C PRO A 238 1.03 4.28 -14.38
N PRO A 239 0.83 2.94 -14.36
CA PRO A 239 1.98 2.05 -14.49
C PRO A 239 2.85 2.34 -15.73
N GLU A 240 2.26 2.75 -16.84
CA GLU A 240 3.07 3.01 -18.03
C GLU A 240 4.00 4.21 -17.85
N HIS A 241 3.78 4.99 -16.79
CA HIS A 241 4.61 6.17 -16.51
C HIS A 241 5.39 6.10 -15.20
N GLY A 242 5.47 4.92 -14.60
CA GLY A 242 6.15 4.78 -13.33
C GLY A 242 7.59 5.24 -13.35
N GLN A 243 8.29 5.00 -14.45
CA GLN A 243 9.69 5.38 -14.51
CA GLN A 243 9.69 5.39 -14.58
C GLN A 243 9.88 6.90 -14.47
N ARG A 244 8.87 7.66 -14.90
CA ARG A 244 8.92 9.12 -14.77
C ARG A 244 8.94 9.53 -13.30
N LEU A 245 8.12 8.88 -12.48
CA LEU A 245 8.14 9.15 -11.04
C LEU A 245 9.50 8.78 -10.45
N GLU A 246 10.05 7.64 -10.86
CA GLU A 246 11.35 7.19 -10.36
C GLU A 246 12.44 8.21 -10.67
N ARG A 247 12.44 8.73 -11.89
CA ARG A 247 13.44 9.71 -12.29
C ARG A 247 13.32 10.99 -11.46
N LEU A 248 12.11 11.49 -11.24
CA LEU A 248 11.94 12.65 -10.38
C LEU A 248 12.41 12.37 -8.95
N ALA A 249 12.05 11.21 -8.42
CA ALA A 249 12.48 10.86 -7.07
C ALA A 249 14.01 10.87 -6.93
N ARG A 250 14.71 10.35 -7.95
N ARG A 250 14.71 10.34 -7.95
CA ARG A 250 16.17 10.34 -7.91
CA ARG A 250 16.16 10.34 -7.90
C ARG A 250 16.76 11.75 -7.93
C ARG A 250 16.70 11.77 -7.85
N GLU A 251 16.05 12.68 -8.57
CA GLU A 251 16.45 14.08 -8.59
C GLU A 251 16.15 14.76 -7.24
N LEU A 252 15.01 14.43 -6.64
CA LEU A 252 14.59 15.10 -5.42
C LEU A 252 15.22 14.53 -4.15
N PHE A 253 15.68 13.28 -4.20
CA PHE A 253 16.30 12.63 -3.05
C PHE A 253 17.65 12.06 -3.49
N PRO A 254 18.60 12.94 -3.82
CA PRO A 254 19.81 12.47 -4.49
C PRO A 254 20.69 11.57 -3.62
N GLY A 255 20.80 11.87 -2.34
CA GLY A 255 21.57 11.02 -1.43
C GLY A 255 20.95 9.63 -1.34
N SER A 256 19.63 9.57 -1.24
CA SER A 256 18.95 8.28 -1.12
C SER A 256 19.17 7.44 -2.37
N SER A 257 19.15 8.12 -3.51
CA SER A 257 19.33 7.45 -4.80
C SER A 257 20.72 6.82 -4.91
N ARG A 258 21.74 7.54 -4.44
CA ARG A 258 23.10 7.00 -4.48
C ARG A 258 23.23 5.78 -3.58
N GLY A 259 22.48 5.76 -2.48
CA GLY A 259 22.54 4.66 -1.53
C GLY A 259 21.86 3.37 -1.97
N CYS A 260 20.88 3.48 -2.86
CA CYS A 260 20.13 2.31 -3.29
C CYS A 260 19.48 2.53 -4.65
N GLY A 261 19.60 1.54 -5.53
CA GLY A 261 19.06 1.65 -6.88
C GLY A 261 17.55 1.48 -6.96
N ALA A 262 16.92 1.21 -5.82
CA ALA A 262 15.46 1.10 -5.73
C ALA A 262 14.95 1.66 -4.40
N PHE A 263 15.38 2.86 -4.05
CA PHE A 263 15.11 3.39 -2.72
C PHE A 263 13.62 3.64 -2.43
N LEU A 264 12.79 3.72 -3.46
CA LEU A 264 11.36 3.88 -3.19
C LEU A 264 10.79 2.64 -2.47
N ARG A 265 11.48 1.51 -2.59
CA ARG A 265 11.14 0.29 -1.83
C ARG A 265 11.22 0.53 -0.32
N HIS A 266 11.93 1.56 0.10
CA HIS A 266 12.05 1.86 1.53
C HIS A 266 10.75 2.46 2.08
N LYS A 267 9.88 2.91 1.17
N LYS A 267 9.92 2.96 1.17
CA LYS A 267 8.60 3.49 1.55
CA LYS A 267 8.60 3.49 1.51
C LYS A 267 8.73 4.62 2.56
C LYS A 267 8.64 4.67 2.49
N VAL A 268 9.50 5.63 2.20
CA VAL A 268 9.68 6.80 3.07
C VAL A 268 9.57 8.16 2.36
N ALA A 269 9.43 8.18 1.04
CA ALA A 269 9.47 9.45 0.29
C ALA A 269 8.09 9.98 -0.07
N LEU A 270 7.89 11.28 0.20
CA LEU A 270 6.65 11.97 -0.19
C LEU A 270 6.95 13.11 -1.14
N ILE A 271 6.10 13.23 -2.16
CA ILE A 271 6.15 14.31 -3.12
C ILE A 271 4.72 14.77 -3.33
N SER A 272 4.48 16.08 -3.20
CA SER A 272 3.12 16.63 -3.24
C SER A 272 2.55 16.70 -4.67
N PRO A 273 1.20 16.78 -4.81
CA PRO A 273 0.64 16.94 -6.15
C PRO A 273 1.12 18.22 -6.85
N THR A 274 1.38 19.27 -6.08
CA THR A 274 1.91 20.50 -6.67
C THR A 274 3.27 20.28 -7.31
N VAL A 275 4.16 19.58 -6.59
CA VAL A 275 5.49 19.28 -7.12
C VAL A 275 5.41 18.32 -8.32
N LEU A 276 4.51 17.34 -8.27
CA LEU A 276 4.33 16.45 -9.41
C LEU A 276 3.91 17.25 -10.65
N LYS A 277 2.94 18.15 -10.48
CA LYS A 277 2.48 18.98 -11.59
CA LYS A 277 2.48 19.00 -11.58
C LYS A 277 3.59 19.88 -12.14
N GLU A 278 4.37 20.47 -11.25
CA GLU A 278 5.48 21.34 -11.67
C GLU A 278 6.49 20.60 -12.53
N ASN A 279 6.62 19.29 -12.28
CA ASN A 279 7.58 18.45 -13.00
C ASN A 279 6.95 17.58 -14.10
N GLY A 280 5.69 17.85 -14.42
CA GLY A 280 5.02 17.18 -15.52
C GLY A 280 4.79 15.69 -15.33
N ILE A 281 4.74 15.22 -14.08
CA ILE A 281 4.48 13.80 -13.81
C ILE A 281 2.98 13.50 -13.92
N PRO A 282 2.60 12.55 -14.79
CA PRO A 282 1.18 12.22 -14.88
C PRO A 282 0.71 11.48 -13.61
N PHE A 283 -0.41 11.93 -13.04
CA PHE A 283 -0.96 11.29 -11.84
C PHE A 283 -2.44 11.60 -11.72
N ASN A 284 -3.13 10.85 -10.87
CA ASN A 284 -4.51 11.15 -10.52
C ASN A 284 -4.72 11.04 -9.03
N ARG A 285 -5.87 11.51 -8.55
CA ARG A 285 -6.17 11.43 -7.13
C ARG A 285 -7.63 11.06 -6.93
N ILE A 286 -7.93 10.44 -5.79
CA ILE A 286 -9.29 10.11 -5.44
C ILE A 286 -9.38 9.90 -3.94
N THR A 287 -10.55 10.13 -3.37
CA THR A 287 -10.76 9.90 -1.95
C THR A 287 -11.67 8.69 -1.73
N GLN A 288 -11.18 7.74 -0.92
CA GLN A 288 -11.89 6.52 -0.53
C GLN A 288 -12.65 6.77 0.77
N GLU A 289 -13.92 6.35 0.81
CA GLU A 289 -14.73 6.49 2.02
C GLU A 289 -15.04 5.13 2.62
N ALA A 290 -15.51 5.12 3.86
CA ALA A 290 -15.81 3.88 4.54
C ALA A 290 -16.82 3.07 3.74
N GLY A 291 -16.57 1.76 3.66
CA GLY A 291 -17.43 0.87 2.89
C GLY A 291 -17.01 0.66 1.44
N GLU A 292 -15.87 1.23 1.05
CA GLU A 292 -15.40 1.15 -0.34
C GLU A 292 -14.08 0.41 -0.44
N PHE A 293 -13.93 -0.34 -1.53
CA PHE A 293 -12.66 -1.00 -1.85
C PHE A 293 -11.86 -0.16 -2.84
N MET A 294 -10.53 -0.21 -2.70
CA MET A 294 -9.62 0.26 -3.75
C MET A 294 -8.74 -0.91 -4.18
N VAL A 295 -8.45 -0.99 -5.48
CA VAL A 295 -7.47 -1.95 -5.98
C VAL A 295 -6.32 -1.20 -6.63
N THR A 296 -5.09 -1.52 -6.24
CA THR A 296 -3.92 -1.02 -6.96
C THR A 296 -3.43 -2.11 -7.90
N PHE A 297 -2.95 -1.69 -9.06
CA PHE A 297 -2.54 -2.60 -10.12
C PHE A 297 -1.03 -2.69 -10.20
N PRO A 298 -0.50 -3.78 -10.78
CA PRO A 298 0.96 -3.98 -10.83
C PRO A 298 1.70 -2.73 -11.34
N TYR A 299 2.69 -2.29 -10.57
CA TYR A 299 3.58 -1.19 -10.90
C TYR A 299 2.85 0.17 -10.91
N GLY A 300 1.71 0.26 -10.20
CA GLY A 300 1.04 1.53 -10.02
C GLY A 300 1.52 2.20 -8.73
N TYR A 301 2.40 3.18 -8.86
CA TYR A 301 2.92 3.91 -7.69
C TYR A 301 1.77 4.65 -7.04
N HIS A 302 1.69 4.58 -5.70
CA HIS A 302 0.65 5.28 -4.97
C HIS A 302 1.17 5.81 -3.64
N ALA A 303 0.47 6.84 -3.12
CA ALA A 303 0.79 7.48 -1.84
C ALA A 303 -0.51 8.08 -1.36
N GLY A 304 -0.58 8.49 -0.10
CA GLY A 304 -1.81 9.12 0.37
C GLY A 304 -1.81 9.41 1.86
N PHE A 305 -2.97 9.79 2.36
CA PHE A 305 -3.08 10.17 3.77
C PHE A 305 -4.48 9.92 4.29
N ASN A 306 -4.59 9.78 5.61
CA ASN A 306 -5.88 9.59 6.27
C ASN A 306 -6.45 10.90 6.81
N HIS A 307 -7.77 11.03 6.76
CA HIS A 307 -8.45 12.26 7.15
C HIS A 307 -8.69 12.39 8.66
N GLY A 308 -8.66 11.27 9.37
CA GLY A 308 -9.05 11.19 10.77
C GLY A 308 -9.01 9.73 11.17
N PHE A 309 -9.50 9.41 12.37
CA PHE A 309 -9.49 8.02 12.83
C PHE A 309 -10.17 7.11 11.82
N ASN A 310 -9.48 6.04 11.44
CA ASN A 310 -10.07 5.04 10.56
C ASN A 310 -9.42 3.67 10.72
N CYS A 311 -10.01 2.67 10.08
CA CYS A 311 -9.44 1.34 10.02
C CYS A 311 -9.64 0.77 8.63
N ALA A 312 -8.52 0.35 8.04
CA ALA A 312 -8.51 -0.29 6.74
C ALA A 312 -7.89 -1.69 6.82
N GLU A 313 -8.23 -2.55 5.87
CA GLU A 313 -7.65 -3.89 5.77
C GLU A 313 -7.15 -4.06 4.34
N ALA A 314 -5.96 -4.60 4.18
CA ALA A 314 -5.40 -4.74 2.85
C ALA A 314 -4.61 -6.02 2.71
N ILE A 315 -4.52 -6.51 1.48
CA ILE A 315 -3.73 -7.70 1.18
C ILE A 315 -3.23 -7.61 -0.26
N ASN A 316 -2.08 -8.24 -0.54
CA ASN A 316 -1.62 -8.40 -1.92
C ASN A 316 -2.28 -9.58 -2.60
N PHE A 317 -2.47 -9.48 -3.91
CA PHE A 317 -2.95 -10.61 -4.69
C PHE A 317 -2.32 -10.56 -6.07
N ALA A 318 -2.46 -11.67 -6.80
CA ALA A 318 -1.91 -11.82 -8.14
C ALA A 318 -2.96 -12.32 -9.12
N THR A 319 -2.70 -12.07 -10.41
CA THR A 319 -3.47 -12.64 -11.52
C THR A 319 -2.48 -13.12 -12.59
N PRO A 320 -2.95 -13.80 -13.64
CA PRO A 320 -1.98 -14.20 -14.67
C PRO A 320 -1.21 -13.01 -15.27
N ARG A 321 -1.87 -11.87 -15.42
CA ARG A 321 -1.21 -10.69 -15.99
C ARG A 321 -0.07 -10.15 -15.12
N TRP A 322 -0.11 -10.44 -13.81
CA TRP A 322 0.94 -9.97 -12.92
C TRP A 322 2.30 -10.62 -13.20
N ILE A 323 2.32 -11.86 -13.69
CA ILE A 323 3.58 -12.61 -13.74
C ILE A 323 4.69 -11.83 -14.47
N ASP A 324 4.37 -11.21 -15.59
CA ASP A 324 5.38 -10.45 -16.32
C ASP A 324 5.92 -9.24 -15.54
N TYR A 325 5.07 -8.63 -14.70
CA TYR A 325 5.53 -7.55 -13.84
C TYR A 325 6.41 -8.09 -12.71
N GLY A 326 6.02 -9.21 -12.11
CA GLY A 326 6.82 -9.81 -11.06
C GLY A 326 8.23 -10.14 -11.51
N LYS A 327 8.36 -10.65 -12.73
CA LYS A 327 9.66 -11.02 -13.31
CA LYS A 327 9.68 -11.03 -13.21
C LYS A 327 10.59 -9.81 -13.43
N MET A 328 10.00 -8.64 -13.61
N MET A 328 9.99 -8.64 -13.56
CA MET A 328 10.74 -7.41 -13.92
CA MET A 328 10.72 -7.42 -13.89
C MET A 328 10.86 -6.44 -12.74
C MET A 328 10.93 -6.48 -12.72
N ALA A 329 10.28 -6.78 -11.60
CA ALA A 329 10.26 -5.87 -10.45
C ALA A 329 11.66 -5.49 -9.95
N SER A 330 11.85 -4.19 -9.74
N SER A 330 11.88 -4.19 -9.74
CA SER A 330 13.07 -3.73 -9.13
CA SER A 330 13.16 -3.73 -9.20
C SER A 330 13.15 -4.29 -7.71
C SER A 330 13.20 -3.95 -7.69
N GLN A 331 14.36 -4.37 -7.18
CA GLN A 331 14.51 -4.77 -5.79
C GLN A 331 15.50 -3.90 -5.03
N CYS A 332 15.21 -3.69 -3.76
N CYS A 332 15.24 -3.70 -3.74
CA CYS A 332 16.15 -3.11 -2.83
CA CYS A 332 16.17 -2.97 -2.87
C CYS A 332 17.08 -4.21 -2.35
C CYS A 332 17.56 -3.60 -2.90
N SER A 333 18.39 -3.97 -2.42
N SER A 333 18.58 -2.79 -3.14
CA SER A 333 19.37 -4.94 -1.95
CA SER A 333 19.95 -3.30 -3.23
C SER A 333 20.35 -4.28 -0.98
C SER A 333 20.78 -3.03 -1.97
N CYS A 334 20.05 -3.04 -0.57
N CYS A 334 20.32 -2.12 -1.13
CA CYS A 334 20.90 -2.29 0.33
CA CYS A 334 21.06 -1.77 0.09
C CYS A 334 20.62 -2.65 1.79
C CYS A 334 20.66 -2.64 1.27
N GLY A 335 19.58 -3.45 2.00
N GLY A 335 19.48 -3.24 1.19
CA GLY A 335 19.24 -3.93 3.32
CA GLY A 335 19.02 -4.15 2.22
C GLY A 335 18.11 -3.18 4.01
C GLY A 335 18.16 -3.50 3.30
N GLU A 336 17.77 -2.00 3.49
N GLU A 336 17.90 -2.21 3.16
CA GLU A 336 16.73 -1.19 4.12
CA GLU A 336 17.10 -1.46 4.13
C GLU A 336 15.34 -1.79 4.01
C GLU A 336 15.69 -2.02 4.27
N ALA A 337 14.96 -2.18 2.79
N ALA A 337 15.21 -2.70 3.23
CA ALA A 337 13.60 -2.63 2.52
CA ALA A 337 13.84 -3.22 3.23
C ALA A 337 13.12 -3.76 3.44
C ALA A 337 13.75 -4.70 3.62
N ARG A 338 13.93 -4.80 3.57
N ARG A 338 14.76 -5.20 4.33
CA ARG A 338 13.65 -5.93 4.48
CA ARG A 338 14.80 -6.61 4.73
C ARG A 338 12.22 -6.45 4.42
C ARG A 338 13.74 -6.97 5.76
N VAL A 339 12.00 -7.52 3.66
N VAL A 339 13.43 -6.05 6.66
CA VAL A 339 10.64 -7.97 3.37
CA VAL A 339 12.51 -6.30 7.75
C VAL A 339 10.28 -9.37 3.86
C VAL A 339 11.05 -6.37 7.31
N THR A 340 9.03 -9.75 3.60
N THR A 340 10.72 -5.64 6.25
CA THR A 340 8.43 -10.95 4.16
CA THR A 340 9.34 -5.57 5.76
C THR A 340 9.10 -12.26 3.76
C THR A 340 9.07 -6.59 4.66
N PHE A 341 8.79 -13.30 4.54
N PHE A 341 10.13 -7.19 4.13
CA PHE A 341 9.23 -14.66 4.27
CA PHE A 341 10.02 -8.08 2.97
C PHE A 341 8.81 -15.12 2.88
C PHE A 341 10.00 -9.55 3.36
N SER A 342 7.59 -14.77 2.50
N SER A 342 9.14 -10.32 2.68
CA SER A 342 7.01 -15.26 1.26
CA SER A 342 8.97 -11.74 3.00
C SER A 342 7.64 -14.64 0.01
C SER A 342 8.63 -12.58 1.77
N MET A 343 8.26 -13.48 0.15
N MET A 343 8.94 -12.05 0.59
CA MET A 343 8.91 -12.84 -0.98
CA MET A 343 8.61 -12.77 -0.64
C MET A 343 10.08 -13.65 -1.54
C MET A 343 9.86 -13.27 -1.37
N ASP A 344 10.72 -14.46 -0.68
N ASP A 344 10.85 -13.70 -0.59
CA ASP A 344 11.88 -15.26 -1.09
CA ASP A 344 12.10 -14.24 -1.13
C ASP A 344 11.59 -16.10 -2.33
C ASP A 344 11.85 -15.35 -2.15
N ALA A 345 10.52 -16.89 -2.28
N ALA A 345 10.81 -16.14 -1.92
CA ALA A 345 10.17 -17.76 -3.39
CA ALA A 345 10.50 -17.25 -2.81
C ALA A 345 9.87 -17.00 -4.67
C ALA A 345 10.09 -16.80 -4.21
N PHE A 346 9.22 -15.83 -4.53
N PHE A 346 9.43 -15.64 -4.31
CA PHE A 346 8.94 -15.00 -5.69
CA PHE A 346 9.03 -15.11 -5.61
C PHE A 346 10.26 -14.61 -6.39
C PHE A 346 10.23 -14.56 -6.38
N VAL A 347 11.21 -14.05 -5.64
CA VAL A 347 12.47 -13.62 -6.24
C VAL A 347 13.22 -14.86 -6.76
N ARG A 348 13.25 -15.91 -5.95
CA ARG A 348 14.00 -17.12 -6.31
C ARG A 348 13.52 -17.73 -7.62
N ILE A 349 12.21 -17.80 -7.80
CA ILE A 349 11.64 -18.42 -9.01
C ILE A 349 11.57 -17.44 -10.19
N LEU A 350 11.10 -16.21 -9.95
CA LEU A 350 10.88 -15.29 -11.05
C LEU A 350 12.11 -14.48 -11.44
N GLN A 351 13.03 -14.29 -10.50
N GLN A 351 13.05 -14.34 -10.51
CA GLN A 351 14.24 -13.50 -10.76
CA GLN A 351 14.23 -13.48 -10.72
C GLN A 351 15.46 -14.22 -10.21
C GLN A 351 15.51 -14.18 -10.26
N PRO A 352 15.77 -15.38 -10.78
CA PRO A 352 16.90 -16.16 -10.27
C PRO A 352 18.25 -15.43 -10.31
N GLU A 353 18.48 -14.59 -11.32
N GLU A 353 18.53 -14.64 -11.34
CA GLU A 353 19.74 -13.84 -11.44
CA GLU A 353 19.79 -13.90 -11.31
C GLU A 353 19.91 -12.77 -10.36
C GLU A 353 19.86 -12.99 -10.10
N ARG A 354 18.79 -12.23 -9.87
CA ARG A 354 18.80 -11.25 -8.80
C ARG A 354 18.84 -11.90 -7.42
N TYR A 355 18.38 -13.15 -7.33
N TYR A 355 18.32 -13.13 -7.36
CA TYR A 355 18.23 -13.82 -6.04
CA TYR A 355 18.31 -13.91 -6.14
C TYR A 355 19.41 -13.70 -5.07
C TYR A 355 19.71 -14.41 -5.83
N ASP A 356 20.61 -14.05 -5.53
N ASP A 356 20.37 -14.94 -6.86
CA ASP A 356 21.80 -14.04 -4.68
CA ASP A 356 21.74 -15.41 -6.73
C ASP A 356 22.05 -12.68 -4.01
C ASP A 356 22.68 -14.28 -6.31
N LEU A 357 22.09 -11.63 -4.82
N LEU A 357 22.50 -13.11 -6.90
CA LEU A 357 22.34 -10.28 -4.30
CA LEU A 357 23.29 -11.93 -6.54
C LEU A 357 21.21 -9.81 -3.39
C LEU A 357 23.04 -11.50 -5.09
N TRP A 358 19.98 -10.14 -3.77
N TRP A 358 21.80 -11.56 -4.65
CA TRP A 358 18.82 -9.79 -2.97
CA TRP A 358 21.45 -11.20 -3.27
C TRP A 358 18.87 -10.49 -1.61
C TRP A 358 22.10 -12.15 -2.27
N LYS A 359 19.28 -11.75 -1.64
N LYS A 359 22.08 -13.45 -2.59
CA LYS A 359 19.44 -12.56 -0.41
CA LYS A 359 22.72 -14.45 -1.75
C LYS A 359 20.37 -11.88 0.58
C LYS A 359 24.23 -14.23 -1.65
N ARG A 360 21.51 -11.39 0.07
N ARG A 360 24.86 -13.95 -2.80
CA ARG A 360 22.51 -10.72 0.89
CA ARG A 360 26.29 -13.71 -2.85
C ARG A 360 21.91 -9.59 1.71
C ARG A 360 26.66 -12.39 -2.16
N GLY A 361 20.97 -8.87 1.11
N GLY A 361 25.82 -11.37 -2.34
CA GLY A 361 20.33 -7.74 1.77
CA GLY A 361 26.09 -10.06 -1.78
C GLY A 361 19.39 -8.16 2.88
C GLY A 361 26.16 -10.06 -0.27
N GLN A 362 18.58 -9.17 2.62
CA GLN A 362 17.65 -9.68 3.61
C GLN A 362 18.41 -10.34 4.77
N ASP A 363 19.58 -10.87 4.47
CA ASP A 363 20.42 -11.52 5.46
C ASP A 363 21.76 -10.81 5.61
#